data_5VR4
#
_entry.id   5VR4
#
_cell.length_a   44.387
_cell.length_b   44.387
_cell.length_c   85.921
_cell.angle_alpha   90.00
_cell.angle_beta   90.00
_cell.angle_gamma   90.00
#
_symmetry.space_group_name_H-M   'P 43 21 2'
#
loop_
_entity.id
_entity.type
_entity.pdbx_description
1 polymer "RNA (5'-R(*CP*GP*AP*AP*(UMO)P*UP*CP*G)-3')"
2 non-polymer 'COBALT TETRAAMMINE ION'
3 water water
#
_entity_poly.entity_id   1
_entity_poly.type   'polyribonucleotide'
_entity_poly.pdbx_seq_one_letter_code
;CGAA(UMO)UCG
;
_entity_poly.pdbx_strand_id   A,B,C,D
#